data_3UNG
#
_entry.id   3UNG
#
_cell.length_a   73.167
_cell.length_b   85.070
_cell.length_c   140.087
_cell.angle_alpha   90.00
_cell.angle_beta   90.00
_cell.angle_gamma   90.00
#
_symmetry.space_group_name_H-M   'P 21 21 21'
#
loop_
_entity.id
_entity.type
_entity.pdbx_description
1 polymer Cmr2dHD
2 non-polymer 'CALCIUM ION'
3 non-polymer 'ZINC ION'
4 non-polymer "ADENOSINE-5'-DIPHOSPHATE"
5 water water
#
_entity_poly.entity_id   1
_entity_poly.type   'polypeptide(L)'
_entity_poly.pdbx_seq_one_letter_code
;MRGSHHHHHHGMASMTGGQQMGRDLYDDDDKDHPFTSVKDPTLLRIKIVPVQPFIANSRKQLDLWASSHLLSMLMYKALE
VIVDKFGPEHVIYPSLRDQPFFLKFYLGENIGDEILVANLPNKALAIVSGKEAEKIEEEIKKRIRDFLLQLYREAVDWAV
ENGVVKVDRSEKDSMLKEAYLKIVREYFTVSITWVSLSEKEDIYQVTENAGLSDEDVKKWLKFAEKKENSRVLERIAIYP
LLVKILDSLGERKVTEERFEKSEQLKGWKCHVCGENLAIFGDMYDHDNLKSLWLDEEPLCPMCLIKRYYPVWIRSKTGQK
IRFESVVDVALLYKNWRKIFDEKYGKDLVSKAREVSEDFVKDNMLVDSDLYYSSTWESGLSKKLKNKKEIDEEKVKEVVD
FLNAAYKEIGNPPKYYAILVMDGDDMGKVISGEVLGEISTRIHPNIRDYVEIPEAKYYSTPQVHVAISQALANFSIREVR
SVVKDEGLLIYAGGDDVLAILPVDKALEVAYKIRKEFGKSFENGSLLPGWKLSAGILIVHYKHPLYDALEKARDLLNNKA
KNVPGKDTLAIGLLKRSGSYYISLVGWELIRVFYNSELRKKLLEEKGGVGKRFIYHVLREVDTWPKVGIDEMLKFEVIRH
IRGRNKEETKELREKIYGEIKDLLEHVRGNNEVEKVRGLFTFLKIITDAEVFP
;
_entity_poly.pdbx_strand_id   C
#
# COMPACT_ATOMS: atom_id res chain seq x y z
N SER A 37 0.87 31.29 -22.31
CA SER A 37 -0.25 30.61 -22.97
C SER A 37 -0.19 30.83 -24.48
N VAL A 38 0.75 30.15 -25.13
CA VAL A 38 0.97 30.25 -26.57
C VAL A 38 1.57 28.94 -27.09
N LYS A 39 1.26 28.56 -28.32
CA LYS A 39 0.33 29.25 -29.21
C LYS A 39 -0.35 28.21 -30.10
N ASP A 40 -1.61 28.48 -30.47
CA ASP A 40 -2.54 27.44 -30.86
C ASP A 40 -2.77 26.50 -29.68
N PRO A 41 -3.23 27.07 -28.55
CA PRO A 41 -3.31 26.32 -27.30
C PRO A 41 -4.26 25.13 -27.39
N THR A 42 -3.75 23.97 -27.03
CA THR A 42 -4.48 22.72 -27.08
C THR A 42 -4.30 22.08 -25.70
N LEU A 43 -5.35 21.41 -25.24
CA LEU A 43 -5.31 20.76 -23.95
C LEU A 43 -5.22 19.28 -24.25
N LEU A 44 -4.31 18.59 -23.58
CA LEU A 44 -4.03 17.20 -23.91
C LEU A 44 -4.04 16.35 -22.65
N ARG A 45 -4.65 15.19 -22.73
CA ARG A 45 -4.82 14.31 -21.59
C ARG A 45 -4.20 12.94 -21.84
N ILE A 46 -3.50 12.46 -20.81
CA ILE A 46 -2.81 11.16 -20.82
C ILE A 46 -3.33 10.26 -19.70
N LYS A 47 -3.66 9.02 -20.04
CA LYS A 47 -4.02 8.04 -19.03
C LYS A 47 -3.32 6.72 -19.33
N ILE A 48 -2.74 6.11 -18.31
CA ILE A 48 -2.04 4.83 -18.48
C ILE A 48 -2.77 3.77 -17.70
N VAL A 49 -3.04 2.64 -18.35
CA VAL A 49 -3.75 1.53 -17.73
C VAL A 49 -3.18 0.21 -18.25
N PRO A 50 -3.39 -0.90 -17.51
CA PRO A 50 -4.14 -1.06 -16.27
C PRO A 50 -3.32 -0.65 -15.07
N VAL A 51 -3.99 -0.28 -13.98
CA VAL A 51 -3.32 0.04 -12.73
C VAL A 51 -3.58 -1.05 -11.70
N GLN A 52 -4.85 -1.23 -11.36
CA GLN A 52 -5.22 -2.14 -10.29
C GLN A 52 -4.94 -3.63 -10.56
N PRO A 53 -5.18 -4.11 -11.79
CA PRO A 53 -4.77 -5.50 -12.10
C PRO A 53 -3.27 -5.73 -12.00
N PHE A 54 -2.48 -4.79 -12.52
CA PHE A 54 -1.01 -4.83 -12.43
C PHE A 54 -0.50 -4.81 -10.99
N ILE A 55 -0.86 -3.78 -10.23
CA ILE A 55 -0.44 -3.64 -8.82
C ILE A 55 -1.09 -4.71 -7.93
N ALA A 56 -2.23 -5.20 -8.38
CA ALA A 56 -3.14 -6.00 -7.57
C ALA A 56 -2.59 -7.35 -7.19
N ASN A 57 -2.21 -8.16 -8.17
CA ASN A 57 -1.67 -9.44 -7.78
C ASN A 57 -0.18 -9.26 -7.66
N SER A 58 0.22 -9.17 -6.40
CA SER A 58 1.58 -8.98 -5.97
C SER A 58 1.64 -9.95 -4.83
N ARG A 59 2.61 -10.85 -4.86
CA ARG A 59 2.65 -11.86 -3.83
C ARG A 59 3.53 -11.42 -2.67
N LYS A 60 4.33 -10.39 -2.89
CA LYS A 60 5.29 -9.93 -1.89
C LYS A 60 5.34 -8.42 -1.87
N GLN A 61 5.62 -7.86 -0.69
CA GLN A 61 5.72 -6.41 -0.56
C GLN A 61 6.60 -5.78 -1.66
N LEU A 62 7.73 -6.42 -2.00
CA LEU A 62 8.71 -5.81 -2.90
C LEU A 62 8.12 -5.69 -4.30
N ASP A 63 7.34 -6.70 -4.67
CA ASP A 63 6.59 -6.73 -5.92
C ASP A 63 5.56 -5.60 -5.95
N LEU A 64 4.88 -5.43 -4.83
CA LEU A 64 3.85 -4.41 -4.72
C LEU A 64 4.47 -3.05 -4.95
N TRP A 65 5.57 -2.80 -4.22
CA TRP A 65 6.33 -1.55 -4.39
C TRP A 65 6.81 -1.38 -5.84
N ALA A 66 7.23 -2.47 -6.47
CA ALA A 66 7.82 -2.39 -7.81
C ALA A 66 6.74 -2.08 -8.83
N SER A 67 5.56 -2.69 -8.68
CA SER A 67 4.42 -2.42 -9.56
C SER A 67 4.02 -0.96 -9.51
N SER A 68 3.94 -0.47 -8.28
CA SER A 68 3.52 0.90 -8.09
C SER A 68 4.57 1.89 -8.68
N HIS A 69 5.82 1.70 -8.26
CA HIS A 69 6.91 2.57 -8.68
C HIS A 69 7.10 2.51 -10.22
N LEU A 70 6.95 1.32 -10.80
CA LEU A 70 7.13 1.21 -12.24
C LEU A 70 6.02 1.96 -12.97
N LEU A 71 4.78 1.81 -12.50
CA LEU A 71 3.69 2.57 -13.13
C LEU A 71 3.96 4.08 -13.14
N SER A 72 4.38 4.58 -11.98
CA SER A 72 4.71 6.01 -11.91
C SER A 72 5.85 6.35 -12.87
N MET A 73 6.82 5.43 -13.00
CA MET A 73 7.94 5.63 -13.93
C MET A 73 7.43 5.80 -15.35
N LEU A 74 6.53 4.92 -15.78
CA LEU A 74 5.86 5.07 -17.06
C LEU A 74 5.24 6.46 -17.25
N MET A 75 4.55 6.96 -16.23
CA MET A 75 4.01 8.33 -16.37
C MET A 75 5.12 9.39 -16.51
N TYR A 76 6.24 9.19 -15.82
CA TYR A 76 7.43 10.03 -16.00
C TYR A 76 7.91 10.03 -17.45
N LYS A 77 8.04 8.84 -18.02
CA LYS A 77 8.47 8.70 -19.40
C LYS A 77 7.50 9.50 -20.27
N ALA A 78 6.22 9.38 -19.98
CA ALA A 78 5.25 10.12 -20.77
C ALA A 78 5.50 11.63 -20.69
N LEU A 79 5.50 12.17 -19.46
CA LEU A 79 5.54 13.63 -19.22
C LEU A 79 6.85 14.30 -19.65
N GLU A 80 7.93 13.53 -19.56
CA GLU A 80 9.23 13.97 -20.02
C GLU A 80 9.19 14.39 -21.50
N VAL A 81 8.37 13.74 -22.31
CA VAL A 81 8.22 14.14 -23.70
C VAL A 81 7.73 15.60 -23.81
N ILE A 82 6.73 15.92 -23.00
CA ILE A 82 6.12 17.25 -22.95
C ILE A 82 7.07 18.29 -22.38
N VAL A 83 7.86 17.90 -21.39
CA VAL A 83 8.85 18.80 -20.81
C VAL A 83 9.92 19.12 -21.86
N ASP A 84 10.38 18.09 -22.56
CA ASP A 84 11.36 18.25 -23.64
C ASP A 84 10.83 19.15 -24.74
N LYS A 85 9.65 18.83 -25.27
CA LYS A 85 9.08 19.63 -26.35
C LYS A 85 8.72 21.05 -25.90
N PHE A 86 8.15 21.18 -24.69
CA PHE A 86 7.81 22.53 -24.21
C PHE A 86 8.50 22.95 -22.91
N GLY A 87 8.00 22.50 -21.77
CA GLY A 87 8.52 22.92 -20.47
C GLY A 87 7.70 22.34 -19.33
N PRO A 88 8.26 22.34 -18.10
CA PRO A 88 7.61 21.75 -16.90
C PRO A 88 6.31 22.43 -16.50
N GLU A 89 6.24 23.75 -16.67
CA GLU A 89 5.06 24.51 -16.31
C GLU A 89 3.88 24.26 -17.27
N HIS A 90 4.14 23.49 -18.34
CA HIS A 90 3.12 23.11 -19.33
C HIS A 90 2.31 21.91 -18.87
N VAL A 91 2.73 21.27 -17.79
CA VAL A 91 1.95 20.16 -17.22
C VAL A 91 1.07 20.73 -16.11
N ILE A 92 -0.23 20.77 -16.35
CA ILE A 92 -1.16 21.37 -15.41
C ILE A 92 -1.28 20.47 -14.18
N TYR A 93 -1.58 19.20 -14.41
CA TYR A 93 -1.64 18.18 -13.36
C TYR A 93 -1.01 16.92 -13.91
N PRO A 94 -0.24 16.17 -13.09
CA PRO A 94 0.20 16.60 -11.76
C PRO A 94 1.18 17.76 -11.87
N SER A 95 1.38 18.50 -10.79
CA SER A 95 2.32 19.59 -10.81
C SER A 95 3.73 19.07 -10.56
N LEU A 96 4.69 19.51 -11.40
CA LEU A 96 6.04 18.94 -11.45
C LEU A 96 7.03 19.61 -10.51
N ARG A 97 6.60 20.70 -9.90
CA ARG A 97 7.46 21.57 -9.10
C ARG A 97 8.36 20.85 -8.10
N ASP A 98 7.79 19.98 -7.29
CA ASP A 98 8.60 19.18 -6.35
C ASP A 98 8.83 17.70 -6.69
N GLN A 99 8.41 17.26 -7.88
CA GLN A 99 8.39 15.83 -8.21
C GLN A 99 9.78 15.17 -8.15
N PRO A 100 9.94 14.19 -7.25
CA PRO A 100 11.27 13.61 -7.06
C PRO A 100 11.80 12.88 -8.29
N PHE A 101 10.92 12.33 -9.12
CA PHE A 101 11.39 11.69 -10.35
C PHE A 101 12.03 12.74 -11.26
N PHE A 102 11.47 13.94 -11.34
CA PHE A 102 12.09 14.99 -12.16
C PHE A 102 13.34 15.61 -11.56
N LEU A 103 13.32 15.84 -10.26
CA LEU A 103 14.52 16.32 -9.59
C LEU A 103 15.69 15.35 -9.84
N LYS A 104 15.44 14.05 -9.70
CA LYS A 104 16.53 13.06 -9.87
C LYS A 104 16.83 12.73 -11.33
N PHE A 105 15.89 12.09 -12.02
CA PHE A 105 16.12 11.64 -13.39
C PHE A 105 16.13 12.74 -14.44
N TYR A 106 15.55 13.89 -14.14
CA TYR A 106 15.58 14.98 -15.11
C TYR A 106 16.77 15.91 -14.87
N LEU A 107 16.83 16.50 -13.68
CA LEU A 107 17.84 17.50 -13.37
C LEU A 107 19.10 16.93 -12.73
N GLY A 108 19.04 15.66 -12.33
CA GLY A 108 20.20 15.04 -11.69
C GLY A 108 20.45 15.46 -10.25
N GLU A 109 19.46 16.01 -9.55
CA GLU A 109 19.66 16.37 -8.13
C GLU A 109 19.89 15.08 -7.36
N ASN A 110 20.58 15.12 -6.22
CA ASN A 110 20.79 13.89 -5.45
C ASN A 110 19.79 13.85 -4.33
N ILE A 111 18.72 13.11 -4.53
CA ILE A 111 17.63 13.23 -3.57
C ILE A 111 17.49 12.09 -2.55
N GLY A 112 18.26 11.04 -2.72
CA GLY A 112 18.25 9.97 -1.75
C GLY A 112 16.92 9.25 -1.63
N ASP A 113 16.59 8.82 -0.41
CA ASP A 113 15.53 7.83 -0.24
C ASP A 113 14.12 8.30 -0.64
N GLU A 114 13.91 9.61 -0.74
CA GLU A 114 12.64 10.13 -1.23
C GLU A 114 12.27 9.57 -2.61
N ILE A 115 13.29 9.21 -3.38
CA ILE A 115 13.07 8.65 -4.71
C ILE A 115 12.25 7.35 -4.67
N LEU A 116 12.20 6.71 -3.50
CA LEU A 116 11.53 5.42 -3.35
C LEU A 116 9.99 5.47 -3.32
N VAL A 117 9.42 6.66 -3.12
CA VAL A 117 7.96 6.78 -3.15
C VAL A 117 7.47 7.07 -4.56
N ALA A 118 6.44 6.36 -4.98
CA ALA A 118 5.80 6.73 -6.23
C ALA A 118 4.85 7.91 -5.98
N ASN A 119 5.17 9.07 -6.56
CA ASN A 119 4.30 10.24 -6.48
C ASN A 119 3.48 10.62 -7.72
N LEU A 120 3.68 9.92 -8.83
CA LEU A 120 3.05 10.29 -10.11
C LEU A 120 1.82 9.43 -10.40
N PRO A 121 0.71 10.10 -10.68
CA PRO A 121 -0.58 9.48 -10.99
C PRO A 121 -0.59 8.93 -12.41
N ASN A 122 -1.53 8.04 -12.71
CA ASN A 122 -1.63 7.42 -14.04
C ASN A 122 -2.47 8.27 -14.99
N LYS A 123 -2.82 9.47 -14.54
CA LYS A 123 -3.55 10.41 -15.40
C LYS A 123 -2.90 11.77 -15.28
N ALA A 124 -2.81 12.47 -16.39
CA ALA A 124 -2.20 13.78 -16.38
C ALA A 124 -2.85 14.57 -17.50
N LEU A 125 -2.67 15.88 -17.46
CA LEU A 125 -3.01 16.70 -18.62
C LEU A 125 -2.14 17.93 -18.69
N ALA A 126 -1.94 18.41 -19.91
CA ALA A 126 -0.97 19.45 -20.21
C ALA A 126 -1.49 20.37 -21.29
N ILE A 127 -0.70 21.40 -21.59
CA ILE A 127 -1.05 22.30 -22.67
C ILE A 127 0.03 22.28 -23.74
N VAL A 128 -0.39 21.94 -24.96
CA VAL A 128 0.53 21.75 -26.07
C VAL A 128 -0.06 22.41 -27.30
N SER A 129 0.79 22.86 -28.22
CA SER A 129 0.28 23.46 -29.46
C SER A 129 -0.29 22.39 -30.37
N GLY A 130 -1.44 22.69 -30.98
CA GLY A 130 -2.18 21.73 -31.78
C GLY A 130 -1.38 20.99 -32.85
N LYS A 131 -0.36 21.65 -33.40
CA LYS A 131 0.46 21.02 -34.42
C LYS A 131 1.31 19.92 -33.82
N GLU A 132 1.66 20.06 -32.56
CA GLU A 132 2.49 19.07 -31.89
C GLU A 132 1.71 17.86 -31.41
N ALA A 133 0.41 18.04 -31.23
CA ALA A 133 -0.38 17.05 -30.50
C ALA A 133 -0.21 15.59 -30.94
N GLU A 134 -0.39 15.31 -32.24
CA GLU A 134 -0.30 13.92 -32.71
C GLU A 134 1.13 13.39 -32.60
N LYS A 135 2.09 14.23 -32.99
CA LYS A 135 3.52 13.93 -32.86
C LYS A 135 3.82 13.46 -31.45
N ILE A 136 3.26 14.19 -30.48
CA ILE A 136 3.41 13.90 -29.05
C ILE A 136 2.76 12.58 -28.63
N GLU A 137 1.54 12.33 -29.09
CA GLU A 137 0.89 11.05 -28.80
C GLU A 137 1.80 9.88 -29.23
N GLU A 138 2.28 9.95 -30.47
CA GLU A 138 3.10 8.87 -31.01
C GLU A 138 4.38 8.71 -30.21
N GLU A 139 5.09 9.82 -30.02
CA GLU A 139 6.35 9.82 -29.27
C GLU A 139 6.20 9.21 -27.87
N ILE A 140 5.08 9.48 -27.21
CA ILE A 140 4.84 8.95 -25.86
C ILE A 140 4.59 7.45 -25.88
N LYS A 141 3.71 7.01 -26.78
CA LYS A 141 3.41 5.59 -26.84
C LYS A 141 4.71 4.84 -27.06
N LYS A 142 5.51 5.35 -28.00
CA LYS A 142 6.80 4.77 -28.34
C LYS A 142 7.77 4.75 -27.15
N ARG A 143 7.91 5.87 -26.45
CA ARG A 143 8.84 5.93 -25.33
C ARG A 143 8.51 4.96 -24.21
N ILE A 144 7.21 4.79 -23.92
CA ILE A 144 6.82 3.78 -22.95
C ILE A 144 7.13 2.36 -23.46
N ARG A 145 6.75 2.12 -24.71
CA ARG A 145 7.01 0.85 -25.38
C ARG A 145 8.48 0.44 -25.28
N ASP A 146 9.36 1.32 -25.72
CA ASP A 146 10.81 1.10 -25.75
C ASP A 146 11.40 0.99 -24.35
N PHE A 147 10.96 1.83 -23.42
CA PHE A 147 11.42 1.72 -22.04
C PHE A 147 11.16 0.31 -21.51
N LEU A 148 9.92 -0.15 -21.67
CA LEU A 148 9.54 -1.46 -21.18
C LEU A 148 10.38 -2.56 -21.82
N LEU A 149 10.52 -2.49 -23.15
CA LEU A 149 11.36 -3.46 -23.86
C LEU A 149 12.80 -3.50 -23.36
N GLN A 150 13.34 -2.33 -23.01
CA GLN A 150 14.72 -2.26 -22.53
C GLN A 150 14.83 -2.87 -21.14
N LEU A 151 13.89 -2.53 -20.29
CA LEU A 151 13.83 -3.16 -18.98
C LEU A 151 13.75 -4.67 -19.14
N TYR A 152 12.94 -5.14 -20.08
CA TYR A 152 12.80 -6.58 -20.29
C TYR A 152 14.11 -7.25 -20.73
N ARG A 153 14.81 -6.65 -21.70
CA ARG A 153 16.09 -7.21 -22.12
C ARG A 153 17.08 -7.27 -20.96
N GLU A 154 17.20 -6.16 -20.24
CA GLU A 154 18.08 -6.10 -19.07
C GLU A 154 17.67 -7.14 -18.05
N ALA A 155 16.37 -7.38 -18.00
CA ALA A 155 15.77 -8.27 -17.01
C ALA A 155 16.12 -9.72 -17.28
N VAL A 156 16.06 -10.13 -18.55
CA VAL A 156 16.49 -11.49 -18.91
C VAL A 156 17.99 -11.67 -18.72
N ASP A 157 18.80 -10.69 -19.10
CA ASP A 157 20.24 -10.81 -18.83
C ASP A 157 20.45 -11.06 -17.34
N TRP A 158 19.86 -10.20 -16.52
CA TRP A 158 19.95 -10.35 -15.07
C TRP A 158 19.48 -11.72 -14.59
N ALA A 159 18.33 -12.16 -15.09
CA ALA A 159 17.73 -13.43 -14.67
C ALA A 159 18.62 -14.61 -14.97
N VAL A 160 19.16 -14.66 -16.19
CA VAL A 160 20.06 -15.75 -16.59
C VAL A 160 21.34 -15.71 -15.77
N GLU A 161 21.91 -14.51 -15.60
CA GLU A 161 23.15 -14.35 -14.85
C GLU A 161 23.01 -14.63 -13.35
N ASN A 162 21.85 -14.33 -12.79
CA ASN A 162 21.62 -14.55 -11.35
C ASN A 162 20.91 -15.85 -11.04
N GLY A 163 20.72 -16.66 -12.08
CA GLY A 163 20.11 -17.98 -11.96
C GLY A 163 18.66 -18.00 -11.52
N VAL A 164 17.91 -16.92 -11.77
CA VAL A 164 16.47 -16.95 -11.51
C VAL A 164 15.78 -17.74 -12.63
N VAL A 165 16.39 -17.72 -13.82
CA VAL A 165 16.00 -18.60 -14.92
C VAL A 165 17.20 -19.46 -15.31
N LYS A 166 17.11 -20.77 -15.08
CA LYS A 166 18.26 -21.63 -15.33
C LYS A 166 18.21 -22.14 -16.78
N VAL A 167 19.09 -21.58 -17.59
CA VAL A 167 19.07 -21.79 -19.03
C VAL A 167 20.48 -21.45 -19.51
N ASP A 168 20.84 -21.91 -20.70
CA ASP A 168 22.19 -21.64 -21.19
C ASP A 168 22.29 -20.15 -21.51
N ARG A 169 23.46 -19.69 -21.95
CA ARG A 169 23.57 -18.34 -22.48
C ARG A 169 23.18 -18.38 -23.96
N SER A 170 22.96 -19.61 -24.44
CA SER A 170 22.49 -19.85 -25.81
C SER A 170 21.00 -19.52 -25.98
N GLU A 171 20.17 -20.08 -25.11
CA GLU A 171 18.72 -19.98 -25.26
C GLU A 171 18.13 -18.71 -24.63
N LYS A 172 18.99 -17.85 -24.09
CA LYS A 172 18.53 -16.57 -23.56
C LYS A 172 17.78 -15.84 -24.65
N ASP A 173 18.22 -16.04 -25.90
CA ASP A 173 17.66 -15.32 -27.04
C ASP A 173 16.30 -15.85 -27.48
N SER A 174 15.90 -16.98 -26.93
CA SER A 174 14.53 -17.47 -27.14
C SER A 174 13.58 -16.68 -26.24
N MET A 175 14.12 -16.16 -25.14
CA MET A 175 13.34 -15.37 -24.22
C MET A 175 13.02 -14.00 -24.79
N LEU A 176 13.77 -13.62 -25.83
CA LEU A 176 13.58 -12.37 -26.55
C LEU A 176 12.74 -12.51 -27.82
N LYS A 177 12.18 -13.68 -28.07
CA LYS A 177 11.48 -13.88 -29.33
C LYS A 177 10.21 -13.04 -29.38
N GLU A 178 9.73 -12.80 -30.61
CA GLU A 178 8.67 -11.83 -30.85
C GLU A 178 7.41 -11.94 -29.99
N ALA A 179 7.07 -13.15 -29.55
CA ALA A 179 5.86 -13.34 -28.74
C ALA A 179 5.87 -12.56 -27.41
N TYR A 180 6.89 -12.83 -26.59
CA TYR A 180 7.01 -12.18 -25.28
C TYR A 180 7.24 -10.70 -25.49
N LEU A 181 8.09 -10.38 -26.46
CA LEU A 181 8.25 -8.99 -26.85
C LEU A 181 6.90 -8.28 -27.05
N LYS A 182 5.98 -8.93 -27.75
CA LYS A 182 4.64 -8.37 -27.95
C LYS A 182 3.80 -8.31 -26.67
N ILE A 183 4.03 -9.24 -25.74
CA ILE A 183 3.39 -9.13 -24.43
C ILE A 183 3.84 -7.88 -23.65
N VAL A 184 5.15 -7.69 -23.58
CA VAL A 184 5.70 -6.53 -22.90
C VAL A 184 5.18 -5.27 -23.60
N ARG A 185 5.28 -5.29 -24.92
CA ARG A 185 4.92 -4.16 -25.76
C ARG A 185 3.45 -3.74 -25.58
N GLU A 186 2.54 -4.69 -25.53
CA GLU A 186 1.12 -4.39 -25.46
C GLU A 186 0.52 -4.43 -24.07
N TYR A 187 1.33 -4.70 -23.05
CA TYR A 187 0.74 -4.85 -21.70
C TYR A 187 0.02 -3.59 -21.19
N PHE A 188 0.66 -2.45 -21.33
CA PHE A 188 0.06 -1.18 -20.91
C PHE A 188 -0.54 -0.45 -22.09
N THR A 189 -1.79 -0.01 -21.97
CA THR A 189 -2.35 0.88 -22.97
C THR A 189 -2.24 2.34 -22.50
N VAL A 190 -1.59 3.15 -23.32
CA VAL A 190 -1.45 4.56 -23.04
C VAL A 190 -2.42 5.35 -23.93
N SER A 191 -3.45 5.90 -23.30
CA SER A 191 -4.49 6.64 -24.00
C SER A 191 -4.19 8.13 -23.98
N ILE A 192 -4.27 8.75 -25.15
CA ILE A 192 -3.95 10.16 -25.28
C ILE A 192 -5.00 10.83 -26.14
N THR A 193 -5.48 11.98 -25.68
CA THR A 193 -6.52 12.68 -26.44
C THR A 193 -6.38 14.19 -26.24
N TRP A 194 -6.79 14.99 -27.21
CA TRP A 194 -6.62 16.42 -27.06
C TRP A 194 -7.77 17.21 -27.66
N VAL A 195 -8.17 18.28 -26.96
CA VAL A 195 -9.15 19.22 -27.47
C VAL A 195 -8.51 20.59 -27.65
N SER A 196 -8.92 21.35 -28.66
CA SER A 196 -8.36 22.69 -28.84
C SER A 196 -9.06 23.73 -27.96
N LEU A 197 -8.59 24.98 -28.00
CA LEU A 197 -9.11 26.02 -27.11
C LEU A 197 -9.60 27.23 -27.90
N ALA A 237 -12.85 30.27 -18.46
CA ALA A 237 -12.93 30.64 -19.87
C ALA A 237 -13.46 29.50 -20.72
N ILE A 238 -14.53 28.84 -20.24
CA ILE A 238 -15.08 27.64 -20.88
C ILE A 238 -14.07 26.51 -20.75
N TYR A 239 -12.92 26.85 -20.16
CA TYR A 239 -11.84 25.92 -19.85
C TYR A 239 -12.36 24.66 -19.14
N PRO A 240 -13.11 24.82 -18.02
CA PRO A 240 -13.63 23.67 -17.27
C PRO A 240 -14.52 22.76 -18.11
N LEU A 241 -15.28 23.38 -19.02
CA LEU A 241 -16.18 22.67 -19.92
C LEU A 241 -15.43 21.59 -20.68
N LEU A 242 -14.52 22.01 -21.56
CA LEU A 242 -13.71 21.07 -22.33
C LEU A 242 -12.80 20.23 -21.43
N VAL A 243 -12.42 20.76 -20.28
CA VAL A 243 -11.68 19.96 -19.31
C VAL A 243 -12.47 18.70 -18.95
N LYS A 244 -13.78 18.83 -18.84
CA LYS A 244 -14.62 17.67 -18.51
C LYS A 244 -14.95 16.79 -19.73
N ILE A 245 -14.49 17.22 -20.91
CA ILE A 245 -14.69 16.45 -22.14
C ILE A 245 -13.71 15.29 -22.40
N LEU A 246 -12.40 15.52 -22.25
CA LEU A 246 -11.40 14.55 -22.73
C LEU A 246 -11.46 13.19 -22.06
N ASP A 247 -12.06 13.11 -20.88
CA ASP A 247 -12.25 11.83 -20.21
C ASP A 247 -13.30 11.02 -20.97
N SER A 248 -13.92 11.67 -21.96
CA SER A 248 -14.86 11.02 -22.86
C SER A 248 -14.15 10.16 -23.91
N LEU A 249 -13.44 10.80 -24.84
CA LEU A 249 -12.67 10.07 -25.85
C LEU A 249 -11.57 9.26 -25.17
N GLY A 250 -11.20 9.68 -23.97
CA GLY A 250 -10.23 8.97 -23.16
C GLY A 250 -10.86 7.77 -22.46
N GLU A 251 -12.18 7.84 -22.26
CA GLU A 251 -12.95 6.70 -21.73
C GLU A 251 -13.20 5.67 -22.83
N ARG A 252 -13.36 6.17 -24.07
CA ARG A 252 -13.55 5.30 -25.22
C ARG A 252 -12.26 4.62 -25.65
N LYS A 253 -11.16 5.35 -25.60
CA LYS A 253 -9.89 4.83 -26.12
C LYS A 253 -9.36 3.62 -25.33
N VAL A 254 -9.65 3.58 -24.03
CA VAL A 254 -9.24 2.44 -23.19
C VAL A 254 -9.98 1.16 -23.60
N THR A 255 -11.14 1.34 -24.22
CA THR A 255 -12.01 0.23 -24.60
C THR A 255 -11.85 -0.25 -26.05
N GLU A 256 -10.84 0.27 -26.76
CA GLU A 256 -10.62 -0.07 -28.17
C GLU A 256 -10.15 -1.52 -28.45
N GLU A 257 -9.59 -2.18 -27.44
CA GLU A 257 -9.13 -3.57 -27.58
C GLU A 257 -9.20 -4.31 -26.25
N GLY A 267 -0.35 -21.36 -24.69
CA GLY A 267 0.76 -21.72 -23.82
C GLY A 267 0.38 -21.81 -22.35
N TRP A 268 1.39 -21.97 -21.49
CA TRP A 268 1.20 -22.06 -20.04
C TRP A 268 1.25 -20.68 -19.35
N LYS A 269 0.44 -20.50 -18.30
CA LYS A 269 0.41 -19.22 -17.57
C LYS A 269 1.60 -19.01 -16.62
N CYS A 270 1.81 -17.74 -16.29
CA CYS A 270 2.77 -17.33 -15.26
C CYS A 270 2.24 -17.72 -13.86
N HIS A 271 3.16 -18.10 -12.97
CA HIS A 271 2.81 -18.63 -11.66
C HIS A 271 2.70 -17.56 -10.58
N VAL A 272 3.06 -16.32 -10.92
CA VAL A 272 2.95 -15.22 -9.96
C VAL A 272 1.59 -14.53 -10.12
N CYS A 273 1.42 -13.85 -11.26
CA CYS A 273 0.17 -13.16 -11.57
C CYS A 273 -0.93 -14.14 -12.02
N GLY A 274 -0.57 -15.06 -12.91
CA GLY A 274 -1.53 -15.99 -13.48
C GLY A 274 -2.23 -15.46 -14.70
N GLU A 275 -2.05 -14.17 -14.99
CA GLU A 275 -2.79 -13.52 -16.06
C GLU A 275 -2.09 -13.43 -17.42
N ASN A 276 -0.82 -13.85 -17.50
CA ASN A 276 -0.08 -13.80 -18.76
C ASN A 276 0.65 -15.11 -19.11
N LEU A 277 1.01 -15.29 -20.39
CA LEU A 277 1.81 -16.46 -20.79
C LEU A 277 3.14 -16.40 -20.07
N ALA A 278 3.60 -17.55 -19.56
CA ALA A 278 4.94 -17.65 -19.00
C ALA A 278 5.99 -17.64 -20.11
N ILE A 279 7.19 -17.16 -19.78
CA ILE A 279 8.25 -17.02 -20.78
C ILE A 279 8.36 -18.22 -21.71
N PHE A 280 8.68 -19.40 -21.19
CA PHE A 280 8.84 -20.57 -22.06
C PHE A 280 7.56 -21.41 -22.22
N GLY A 281 6.46 -20.90 -21.64
CA GLY A 281 5.20 -21.62 -21.56
C GLY A 281 4.62 -22.18 -22.85
N ASP A 282 4.92 -21.55 -23.97
CA ASP A 282 4.46 -22.00 -25.29
C ASP A 282 5.29 -23.11 -25.96
N MET A 283 6.62 -23.02 -25.85
CA MET A 283 7.50 -23.97 -26.54
C MET A 283 7.83 -25.23 -25.72
N TYR A 284 7.44 -25.23 -24.44
CA TYR A 284 7.75 -26.33 -23.52
C TYR A 284 6.54 -26.93 -22.76
N ASP A 285 6.74 -28.14 -22.28
CA ASP A 285 5.79 -28.86 -21.44
C ASP A 285 5.77 -28.26 -20.02
N HIS A 286 4.72 -28.55 -19.24
CA HIS A 286 4.67 -28.01 -17.88
C HIS A 286 5.91 -28.39 -17.08
N ASP A 287 6.09 -29.66 -16.79
CA ASP A 287 7.28 -30.09 -16.05
C ASP A 287 8.60 -29.57 -16.66
N ASN A 288 8.68 -29.55 -17.99
CA ASN A 288 9.82 -28.96 -18.68
C ASN A 288 9.98 -27.46 -18.45
N LEU A 289 8.88 -26.81 -18.06
CA LEU A 289 8.85 -25.39 -17.71
C LEU A 289 9.16 -25.15 -16.20
N LYS A 290 8.29 -25.65 -15.32
CA LYS A 290 8.45 -25.46 -13.89
C LYS A 290 9.86 -25.81 -13.43
N SER A 291 10.41 -26.88 -14.00
CA SER A 291 11.71 -27.40 -13.57
C SER A 291 12.81 -26.34 -13.67
N LEU A 292 13.01 -25.82 -14.88
CA LEU A 292 14.13 -24.89 -15.13
C LEU A 292 14.00 -23.49 -14.48
N TRP A 293 12.79 -23.10 -14.07
CA TRP A 293 12.62 -21.82 -13.37
C TRP A 293 12.97 -21.95 -11.89
N LEU A 294 13.53 -20.89 -11.32
CA LEU A 294 13.80 -20.82 -9.89
C LEU A 294 12.52 -21.04 -9.08
N ASP A 295 12.59 -21.95 -8.11
CA ASP A 295 11.45 -22.29 -7.25
C ASP A 295 10.29 -22.89 -8.06
N GLU A 296 10.64 -23.43 -9.22
CA GLU A 296 9.67 -24.01 -10.16
C GLU A 296 8.43 -23.13 -10.32
N GLU A 297 8.63 -21.82 -10.25
CA GLU A 297 7.55 -20.87 -10.52
C GLU A 297 7.96 -19.89 -11.60
N PRO A 298 7.63 -20.23 -12.86
CA PRO A 298 7.94 -19.44 -14.05
C PRO A 298 7.18 -18.12 -14.08
N LEU A 299 7.74 -17.15 -14.77
CA LEU A 299 7.19 -15.81 -14.78
C LEU A 299 6.81 -15.45 -16.19
N CYS A 300 5.90 -14.48 -16.34
CA CYS A 300 5.68 -13.90 -17.65
C CYS A 300 6.65 -12.74 -17.73
N PRO A 301 6.77 -12.10 -18.92
CA PRO A 301 7.70 -10.98 -19.04
C PRO A 301 7.41 -9.90 -17.99
N MET A 302 6.13 -9.68 -17.70
CA MET A 302 5.74 -8.62 -16.79
C MET A 302 6.29 -8.81 -15.40
N CYS A 303 6.13 -10.01 -14.84
CA CYS A 303 6.61 -10.26 -13.49
C CYS A 303 8.13 -10.41 -13.43
N LEU A 304 8.74 -10.82 -14.53
CA LEU A 304 10.20 -10.83 -14.60
C LEU A 304 10.70 -9.38 -14.50
N ILE A 305 10.04 -8.50 -15.24
CA ILE A 305 10.31 -7.06 -15.16
C ILE A 305 10.14 -6.57 -13.73
N LYS A 306 9.04 -6.97 -13.06
CA LYS A 306 8.83 -6.59 -11.65
C LYS A 306 10.00 -7.06 -10.78
N ARG A 307 10.44 -8.30 -10.99
CA ARG A 307 11.54 -8.86 -10.21
C ARG A 307 12.86 -8.13 -10.41
N TYR A 308 13.13 -7.67 -11.63
CA TYR A 308 14.35 -6.93 -11.95
C TYR A 308 14.34 -5.47 -11.50
N TYR A 309 13.14 -4.89 -11.48
CA TYR A 309 12.98 -3.46 -11.28
C TYR A 309 13.67 -2.87 -10.02
N PRO A 310 13.61 -3.58 -8.87
CA PRO A 310 14.31 -3.01 -7.72
C PRO A 310 15.83 -3.01 -7.92
N VAL A 311 16.35 -3.94 -8.71
CA VAL A 311 17.78 -3.88 -8.99
C VAL A 311 18.09 -2.74 -9.99
N TRP A 312 17.23 -2.60 -11.00
CA TRP A 312 17.32 -1.43 -11.87
C TRP A 312 17.39 -0.12 -11.07
N ILE A 313 16.42 0.05 -10.17
CA ILE A 313 16.35 1.24 -9.34
C ILE A 313 17.57 1.38 -8.41
N ARG A 314 18.05 0.30 -7.82
CA ARG A 314 19.19 0.43 -6.95
C ARG A 314 20.45 0.75 -7.75
N SER A 315 20.47 0.45 -9.05
CA SER A 315 21.61 0.93 -9.83
C SER A 315 21.44 2.39 -10.30
N LYS A 316 20.25 2.76 -10.75
CA LYS A 316 20.04 4.13 -11.25
C LYS A 316 20.11 5.19 -10.15
N THR A 317 19.62 4.84 -8.97
CA THR A 317 19.69 5.66 -7.78
C THR A 317 20.54 4.76 -6.90
N GLY A 318 20.87 5.15 -5.68
CA GLY A 318 21.64 4.21 -4.88
C GLY A 318 20.74 3.51 -3.86
N GLN A 319 19.44 3.49 -4.16
CA GLN A 319 18.41 3.30 -3.15
C GLN A 319 17.65 2.00 -3.22
N LYS A 320 17.28 1.47 -2.05
CA LYS A 320 16.36 0.33 -1.96
C LYS A 320 15.40 0.50 -0.77
N ILE A 321 14.15 0.06 -0.89
CA ILE A 321 13.23 0.25 0.24
C ILE A 321 13.77 -0.40 1.50
N ARG A 322 13.66 0.34 2.60
CA ARG A 322 14.21 -0.02 3.90
C ARG A 322 13.67 -1.36 4.41
N PHE A 323 12.37 -1.60 4.20
CA PHE A 323 11.68 -2.81 4.68
C PHE A 323 11.21 -3.62 3.51
N GLU A 324 11.87 -4.74 3.24
CA GLU A 324 11.49 -5.53 2.08
C GLU A 324 10.24 -6.38 2.27
N SER A 325 10.06 -6.93 3.46
CA SER A 325 8.98 -7.87 3.74
C SER A 325 7.95 -7.22 4.64
N VAL A 326 6.70 -7.68 4.56
CA VAL A 326 5.68 -7.22 5.51
C VAL A 326 6.04 -7.56 6.97
N VAL A 327 6.79 -8.63 7.19
CA VAL A 327 7.26 -8.94 8.55
C VAL A 327 8.15 -7.84 9.13
N ASP A 328 8.92 -7.19 8.27
CA ASP A 328 9.86 -6.15 8.67
C ASP A 328 9.11 -4.90 9.12
N VAL A 329 8.00 -4.58 8.44
CA VAL A 329 7.05 -3.54 8.87
C VAL A 329 6.35 -3.95 10.17
N ALA A 330 5.73 -5.14 10.17
CA ALA A 330 5.08 -5.68 11.37
C ALA A 330 5.94 -5.56 12.61
N LEU A 331 7.24 -5.84 12.51
CA LEU A 331 8.11 -5.82 13.70
C LEU A 331 8.57 -4.41 14.13
N LEU A 332 8.14 -3.38 13.41
CA LEU A 332 8.41 -2.03 13.85
C LEU A 332 7.54 -1.70 15.05
N TYR A 333 6.55 -2.56 15.31
CA TYR A 333 5.63 -2.35 16.41
C TYR A 333 6.38 -2.13 17.72
N LYS A 334 6.11 -1.00 18.35
CA LYS A 334 6.67 -0.69 19.67
C LYS A 334 8.16 -0.93 19.75
N ASN A 335 8.87 -0.61 18.66
CA ASN A 335 10.32 -0.82 18.54
C ASN A 335 10.78 -2.20 19.00
N TRP A 336 9.95 -3.19 18.76
CA TRP A 336 10.19 -4.52 19.29
C TRP A 336 11.48 -5.06 18.69
N ARG A 337 11.66 -4.90 17.38
CA ARG A 337 12.87 -5.43 16.79
C ARG A 337 14.11 -4.67 17.25
N LYS A 338 14.03 -3.33 17.34
CA LYS A 338 15.19 -2.54 17.79
C LYS A 338 15.61 -3.01 19.18
N ILE A 339 14.65 -3.20 20.07
CA ILE A 339 15.01 -3.53 21.43
C ILE A 339 15.49 -4.98 21.53
N PHE A 340 14.87 -5.85 20.71
CA PHE A 340 15.26 -7.25 20.68
C PHE A 340 16.68 -7.38 20.15
N ASP A 341 16.96 -6.80 18.99
CA ASP A 341 18.30 -6.85 18.45
C ASP A 341 19.28 -6.34 19.50
N GLU A 342 19.03 -5.13 20.01
CA GLU A 342 19.94 -4.55 20.97
C GLU A 342 20.24 -5.51 22.15
N LYS A 343 19.21 -6.15 22.70
CA LYS A 343 19.44 -7.05 23.83
C LYS A 343 19.85 -8.48 23.47
N TYR A 344 18.98 -9.19 22.76
CA TYR A 344 19.12 -10.60 22.38
C TYR A 344 19.65 -10.94 20.98
N GLY A 345 19.90 -9.93 20.14
CA GLY A 345 20.11 -10.15 18.72
C GLY A 345 21.29 -11.03 18.31
N LYS A 346 22.50 -10.65 18.74
CA LYS A 346 23.68 -11.44 18.41
C LYS A 346 23.51 -12.88 18.92
N ASP A 347 23.02 -13.02 20.15
CA ASP A 347 22.81 -14.34 20.72
C ASP A 347 21.85 -15.16 19.86
N LEU A 348 20.83 -14.51 19.32
CA LEU A 348 19.84 -15.23 18.53
C LEU A 348 20.45 -15.71 17.22
N VAL A 349 21.08 -14.79 16.48
CA VAL A 349 21.74 -15.14 15.22
C VAL A 349 22.72 -16.31 15.45
N SER A 350 23.45 -16.28 16.57
CA SER A 350 24.34 -17.38 16.90
C SER A 350 23.61 -18.70 17.20
N LYS A 351 22.51 -18.64 17.93
CA LYS A 351 21.71 -19.85 18.19
C LYS A 351 21.19 -20.43 16.87
N ALA A 352 20.79 -19.55 15.95
CA ALA A 352 20.22 -19.96 14.67
C ALA A 352 21.30 -20.59 13.79
N ARG A 353 22.49 -19.98 13.76
CA ARG A 353 23.61 -20.51 13.00
C ARG A 353 23.96 -21.84 13.60
N GLU A 354 23.86 -21.91 14.92
CA GLU A 354 24.19 -23.12 15.67
C GLU A 354 23.27 -24.23 15.21
N VAL A 355 22.01 -23.92 14.95
CA VAL A 355 21.15 -24.91 14.31
C VAL A 355 21.65 -25.24 12.91
N SER A 356 21.74 -24.22 12.05
CA SER A 356 22.26 -24.40 10.70
C SER A 356 22.83 -23.11 10.15
N GLU A 357 23.87 -23.23 9.33
CA GLU A 357 24.50 -22.07 8.72
C GLU A 357 23.51 -21.40 7.78
N ASP A 358 22.53 -22.15 7.28
CA ASP A 358 21.64 -21.61 6.25
C ASP A 358 20.57 -20.64 6.75
N PHE A 359 20.42 -20.52 8.07
CA PHE A 359 19.46 -19.58 8.62
C PHE A 359 20.07 -18.19 8.80
N VAL A 360 21.39 -18.12 8.75
CA VAL A 360 22.12 -16.89 9.01
C VAL A 360 22.96 -16.43 7.81
N LYS A 361 22.74 -15.19 7.38
CA LYS A 361 23.50 -14.57 6.31
C LYS A 361 23.96 -13.16 6.66
N ASP A 362 25.28 -12.93 6.66
CA ASP A 362 25.85 -11.65 7.05
C ASP A 362 25.52 -11.33 8.50
N ASN A 363 25.72 -12.30 9.37
CA ASN A 363 25.47 -12.15 10.80
C ASN A 363 24.05 -11.68 11.13
N MET A 364 23.13 -11.99 10.22
CA MET A 364 21.72 -11.69 10.38
C MET A 364 20.93 -12.93 9.97
N LEU A 365 19.68 -13.00 10.41
CA LEU A 365 18.78 -14.06 10.00
C LEU A 365 18.40 -13.87 8.53
N VAL A 366 18.32 -14.97 7.79
CA VAL A 366 17.97 -14.89 6.38
C VAL A 366 16.54 -14.42 6.23
N ASP A 367 15.70 -14.78 7.20
CA ASP A 367 14.27 -14.46 7.18
C ASP A 367 13.86 -13.77 8.48
N SER A 368 13.07 -12.72 8.38
CA SER A 368 12.58 -12.00 9.55
C SER A 368 11.53 -12.80 10.31
N ASP A 369 10.83 -13.70 9.60
CA ASP A 369 9.88 -14.59 10.26
C ASP A 369 10.57 -15.54 11.22
N LEU A 370 11.91 -15.53 11.22
CA LEU A 370 12.69 -16.38 12.12
C LEU A 370 12.76 -15.78 13.52
N TYR A 371 12.24 -14.57 13.67
CA TYR A 371 12.14 -14.01 15.01
C TYR A 371 10.97 -14.65 15.74
N TYR A 372 10.15 -15.40 15.00
CA TYR A 372 8.99 -16.06 15.60
C TYR A 372 9.31 -17.50 15.99
N SER A 373 9.05 -17.88 17.23
CA SER A 373 9.18 -19.27 17.67
C SER A 373 8.35 -20.17 16.77
N SER A 374 7.15 -19.71 16.47
CA SER A 374 6.20 -20.47 15.66
C SER A 374 6.85 -21.01 14.39
N THR A 375 7.77 -20.24 13.80
CA THR A 375 8.40 -20.67 12.55
C THR A 375 9.47 -21.73 12.78
N TRP A 376 10.16 -21.62 13.91
CA TRP A 376 11.14 -22.65 14.32
C TRP A 376 10.45 -23.96 14.68
N GLU A 377 9.21 -23.88 15.14
CA GLU A 377 8.46 -25.06 15.52
C GLU A 377 7.91 -25.80 14.30
N SER A 378 7.31 -25.07 13.37
CA SER A 378 6.59 -25.72 12.28
C SER A 378 7.30 -25.69 10.93
N GLY A 379 7.21 -24.54 10.26
CA GLY A 379 7.55 -24.44 8.85
C GLY A 379 9.01 -24.64 8.50
N LEU A 380 9.27 -25.52 7.54
CA LEU A 380 10.64 -25.79 7.09
C LEU A 380 10.71 -26.45 5.70
N ASP A 391 18.90 -32.91 14.94
CA ASP A 391 19.26 -31.53 15.19
C ASP A 391 18.13 -30.78 15.87
N GLU A 392 17.08 -31.50 16.25
CA GLU A 392 15.87 -30.89 16.83
C GLU A 392 16.05 -30.46 18.29
N GLU A 393 17.19 -30.82 18.89
CA GLU A 393 17.52 -30.36 20.23
C GLU A 393 18.00 -28.90 20.24
N LYS A 394 18.81 -28.54 19.26
CA LYS A 394 19.36 -27.19 19.17
C LYS A 394 18.37 -26.24 18.50
N VAL A 395 17.28 -26.81 17.97
CA VAL A 395 16.12 -26.03 17.54
C VAL A 395 15.24 -25.71 18.76
N LYS A 396 15.10 -26.69 19.63
CA LYS A 396 14.42 -26.47 20.90
C LYS A 396 15.17 -25.39 21.66
N GLU A 397 16.49 -25.36 21.52
CA GLU A 397 17.26 -24.33 22.23
C GLU A 397 16.93 -22.89 21.77
N VAL A 398 16.67 -22.73 20.46
CA VAL A 398 16.24 -21.45 19.88
C VAL A 398 14.80 -21.08 20.26
N VAL A 399 13.93 -22.09 20.29
CA VAL A 399 12.56 -21.87 20.75
C VAL A 399 12.54 -21.40 22.21
N ASP A 400 13.26 -22.13 23.06
CA ASP A 400 13.41 -21.74 24.47
C ASP A 400 13.95 -20.31 24.58
N PHE A 401 15.08 -20.05 23.93
CA PHE A 401 15.69 -18.72 23.94
C PHE A 401 14.67 -17.63 23.60
N LEU A 402 14.01 -17.81 22.46
CA LEU A 402 13.03 -16.83 22.00
C LEU A 402 11.95 -16.60 23.05
N ASN A 403 11.28 -17.67 23.48
CA ASN A 403 10.23 -17.57 24.51
C ASN A 403 10.69 -16.81 25.75
N ALA A 404 11.85 -17.17 26.27
CA ALA A 404 12.43 -16.44 27.40
C ALA A 404 12.47 -14.95 27.10
N ALA A 405 13.03 -14.63 25.94
CA ALA A 405 13.18 -13.23 25.53
C ALA A 405 11.82 -12.53 25.40
N TYR A 406 10.78 -13.30 25.08
CA TYR A 406 9.46 -12.74 24.87
C TYR A 406 8.95 -12.37 26.24
N LYS A 407 9.15 -13.32 27.16
CA LYS A 407 8.76 -13.15 28.55
C LYS A 407 9.40 -11.89 29.13
N GLU A 408 10.63 -11.59 28.77
CA GLU A 408 11.19 -10.33 29.27
C GLU A 408 10.71 -9.09 28.50
N ILE A 409 10.85 -9.12 27.17
CA ILE A 409 10.68 -7.97 26.29
C ILE A 409 9.26 -7.86 25.67
N GLY A 410 8.46 -8.90 25.82
CA GLY A 410 7.14 -8.92 25.22
C GLY A 410 7.03 -9.80 23.98
N ASN A 411 5.80 -10.26 23.71
CA ASN A 411 5.56 -11.11 22.54
C ASN A 411 5.75 -10.42 21.20
N PRO A 412 6.21 -11.19 20.20
CA PRO A 412 6.51 -10.68 18.85
C PRO A 412 5.26 -10.33 18.07
N PRO A 413 5.27 -9.15 17.43
CA PRO A 413 4.16 -8.71 16.58
C PRO A 413 3.99 -9.57 15.33
N LYS A 414 2.81 -10.16 15.11
CA LYS A 414 2.52 -10.93 13.88
C LYS A 414 1.63 -10.29 12.83
N TYR A 415 1.17 -9.07 13.11
CA TYR A 415 0.19 -8.38 12.27
C TYR A 415 0.74 -7.06 11.74
N TYR A 416 0.24 -6.64 10.58
CA TYR A 416 0.60 -5.34 10.02
C TYR A 416 -0.67 -4.72 9.42
N ALA A 417 -0.60 -3.45 9.06
CA ALA A 417 -1.75 -2.77 8.51
C ALA A 417 -1.48 -2.28 7.08
N ILE A 418 -2.45 -2.49 6.22
CA ILE A 418 -2.46 -1.85 4.91
C ILE A 418 -3.40 -0.65 4.98
N LEU A 419 -2.86 0.55 4.82
CA LEU A 419 -3.63 1.78 4.75
C LEU A 419 -3.83 2.22 3.30
N VAL A 420 -5.10 2.29 2.90
CA VAL A 420 -5.49 2.80 1.59
C VAL A 420 -6.41 4.02 1.79
N MET A 421 -6.08 5.15 1.18
CA MET A 421 -6.88 6.38 1.28
C MET A 421 -7.23 6.97 -0.09
N ASP A 422 -8.37 7.66 -0.16
CA ASP A 422 -8.78 8.35 -1.37
C ASP A 422 -9.67 9.53 -1.02
N GLY A 423 -9.48 10.65 -1.71
CA GLY A 423 -10.32 11.82 -1.48
C GLY A 423 -11.73 11.60 -1.96
N ASP A 424 -12.70 12.24 -1.31
CA ASP A 424 -14.09 12.04 -1.66
C ASP A 424 -14.52 13.06 -2.69
N ASP A 425 -15.19 12.60 -3.75
CA ASP A 425 -15.83 13.47 -4.74
C ASP A 425 -14.91 14.60 -5.20
N MET A 426 -13.62 14.33 -5.33
CA MET A 426 -12.66 15.44 -5.43
C MET A 426 -12.99 16.44 -6.55
N GLY A 427 -13.09 17.71 -6.15
CA GLY A 427 -13.43 18.80 -7.04
C GLY A 427 -13.96 20.00 -6.26
N THR A 460 -10.92 28.97 -15.57
CA THR A 460 -10.35 28.61 -14.28
C THR A 460 -9.06 27.79 -14.35
N PRO A 461 -8.19 28.06 -15.35
CA PRO A 461 -6.93 27.32 -15.52
C PRO A 461 -5.86 27.56 -14.43
N GLN A 462 -5.74 28.82 -14.00
CA GLN A 462 -4.81 29.20 -12.94
C GLN A 462 -5.21 28.53 -11.63
N VAL A 463 -6.52 28.44 -11.40
CA VAL A 463 -7.07 27.73 -10.25
C VAL A 463 -6.85 26.21 -10.34
N HIS A 464 -6.88 25.68 -11.56
CA HIS A 464 -6.53 24.28 -11.77
C HIS A 464 -5.08 24.05 -11.34
N VAL A 465 -4.20 24.95 -11.75
CA VAL A 465 -2.80 24.86 -11.34
C VAL A 465 -2.65 24.96 -9.83
N ALA A 466 -3.45 25.83 -9.21
CA ALA A 466 -3.43 25.99 -7.76
C ALA A 466 -3.83 24.71 -7.00
N ILE A 467 -4.91 24.06 -7.42
CA ILE A 467 -5.34 22.86 -6.72
C ILE A 467 -4.35 21.74 -7.00
N SER A 468 -3.79 21.72 -8.22
CA SER A 468 -2.77 20.73 -8.59
C SER A 468 -1.54 20.85 -7.68
N GLN A 469 -1.04 22.07 -7.54
CA GLN A 469 0.10 22.29 -6.68
C GLN A 469 -0.22 21.97 -5.20
N ALA A 470 -1.43 22.32 -4.76
CA ALA A 470 -1.86 21.93 -3.42
C ALA A 470 -1.74 20.41 -3.21
N LEU A 471 -2.32 19.64 -4.14
CA LEU A 471 -2.30 18.18 -4.03
C LEU A 471 -0.87 17.67 -4.07
N ALA A 472 -0.06 18.25 -4.94
CA ALA A 472 1.32 17.82 -5.09
C ALA A 472 2.05 17.98 -3.77
N ASN A 473 1.89 19.15 -3.15
CA ASN A 473 2.56 19.39 -1.88
C ASN A 473 2.09 18.42 -0.82
N PHE A 474 0.80 18.16 -0.81
CA PHE A 474 0.25 17.18 0.11
C PHE A 474 0.95 15.84 -0.06
N SER A 475 0.87 15.27 -1.27
CA SER A 475 1.32 13.90 -1.50
C SER A 475 2.82 13.72 -1.41
N ILE A 476 3.57 14.68 -1.94
CA ILE A 476 5.04 14.63 -1.89
C ILE A 476 5.62 15.00 -0.52
N ARG A 477 5.13 16.09 0.06
CA ARG A 477 5.67 16.64 1.29
C ARG A 477 5.02 16.03 2.53
N GLU A 478 3.71 16.25 2.64
CA GLU A 478 3.02 16.01 3.89
C GLU A 478 2.81 14.54 4.24
N VAL A 479 2.39 13.73 3.27
CA VAL A 479 2.20 12.32 3.57
C VAL A 479 3.54 11.72 4.00
N ARG A 480 4.57 12.02 3.22
CA ARG A 480 5.93 11.64 3.58
C ARG A 480 6.27 12.06 5.01
N SER A 481 5.95 13.30 5.37
CA SER A 481 6.33 13.80 6.70
C SER A 481 5.55 13.16 7.86
N VAL A 482 4.34 12.65 7.60
CA VAL A 482 3.69 11.80 8.61
C VAL A 482 4.12 10.32 8.64
N VAL A 483 4.36 9.70 7.48
CA VAL A 483 4.82 8.30 7.48
C VAL A 483 6.30 8.10 7.82
N LYS A 484 7.16 8.90 7.19
CA LYS A 484 8.59 8.85 7.43
C LYS A 484 9.17 7.43 7.49
N ASP A 485 9.82 7.13 8.62
CA ASP A 485 10.52 5.86 8.76
C ASP A 485 9.66 4.84 9.51
N GLU A 486 8.49 5.30 9.94
CA GLU A 486 7.59 4.52 10.78
C GLU A 486 6.81 3.44 10.03
N GLY A 487 6.98 3.40 8.72
CA GLY A 487 6.44 2.33 7.92
C GLY A 487 6.83 2.56 6.49
N LEU A 488 6.13 1.92 5.58
CA LEU A 488 6.51 2.00 4.18
C LEU A 488 5.45 2.76 3.40
N LEU A 489 5.80 3.93 2.89
CA LEU A 489 4.88 4.64 2.02
C LEU A 489 5.17 4.21 0.59
N ILE A 490 4.25 3.46 0.00
CA ILE A 490 4.41 3.02 -1.37
C ILE A 490 4.01 4.09 -2.41
N TYR A 491 2.83 4.67 -2.24
CA TYR A 491 2.32 5.58 -3.25
C TYR A 491 1.58 6.79 -2.67
N ALA A 492 1.96 8.00 -3.07
CA ALA A 492 1.11 9.17 -2.83
C ALA A 492 0.93 9.99 -4.10
N GLY A 493 -0.27 9.85 -4.66
CA GLY A 493 -0.70 10.29 -5.97
C GLY A 493 -1.60 11.51 -6.04
N GLY A 494 -1.38 12.50 -5.18
CA GLY A 494 -2.43 13.48 -4.95
C GLY A 494 -3.44 12.77 -4.07
N ASP A 495 -4.71 12.73 -4.46
CA ASP A 495 -5.75 12.29 -3.51
C ASP A 495 -5.67 10.83 -3.02
N ASP A 496 -4.73 10.05 -3.57
CA ASP A 496 -4.57 8.65 -3.21
C ASP A 496 -3.32 8.34 -2.39
N VAL A 497 -3.46 7.43 -1.44
CA VAL A 497 -2.35 6.98 -0.60
C VAL A 497 -2.38 5.46 -0.45
N LEU A 498 -1.20 4.86 -0.41
CA LEU A 498 -1.04 3.42 -0.15
C LEU A 498 0.21 3.21 0.72
N ALA A 499 0.04 2.61 1.89
CA ALA A 499 1.14 2.46 2.84
C ALA A 499 0.97 1.18 3.61
N ILE A 500 2.09 0.60 4.04
CA ILE A 500 2.09 -0.58 4.89
C ILE A 500 2.68 -0.13 6.23
N LEU A 501 1.95 -0.36 7.31
CA LEU A 501 2.30 0.21 8.60
C LEU A 501 2.25 -0.85 9.69
N PRO A 502 3.08 -0.68 10.72
CA PRO A 502 2.96 -1.45 11.97
C PRO A 502 1.61 -1.07 12.63
N VAL A 503 0.96 -2.01 13.31
CA VAL A 503 -0.46 -1.80 13.71
C VAL A 503 -0.69 -0.63 14.68
N ASP A 504 0.32 -0.31 15.47
CA ASP A 504 0.24 0.74 16.45
C ASP A 504 0.48 2.12 15.84
N LYS A 505 0.83 2.19 14.55
CA LYS A 505 0.91 3.49 13.85
C LYS A 505 -0.23 3.75 12.88
N ALA A 506 -1.00 2.71 12.60
CA ALA A 506 -2.01 2.78 11.57
C ALA A 506 -3.03 3.89 11.83
N LEU A 507 -3.60 3.90 13.02
CA LEU A 507 -4.69 4.83 13.30
C LEU A 507 -4.23 6.28 13.25
N GLU A 508 -3.13 6.59 13.94
CA GLU A 508 -2.60 7.94 13.93
C GLU A 508 -2.03 8.41 12.58
N VAL A 509 -1.44 7.52 11.80
CA VAL A 509 -0.97 7.93 10.48
C VAL A 509 -2.20 8.29 9.63
N ALA A 510 -3.23 7.47 9.72
CA ALA A 510 -4.39 7.73 8.89
C ALA A 510 -5.00 9.08 9.33
N TYR A 511 -5.24 9.25 10.62
CA TYR A 511 -5.80 10.51 11.15
C TYR A 511 -4.98 11.74 10.76
N LYS A 512 -3.68 11.71 11.04
CA LYS A 512 -2.81 12.84 10.68
C LYS A 512 -2.84 13.14 9.17
N ILE A 513 -2.79 12.12 8.33
CA ILE A 513 -2.85 12.40 6.89
C ILE A 513 -4.19 13.07 6.54
N ARG A 514 -5.28 12.54 7.08
CA ARG A 514 -6.59 13.19 6.95
C ARG A 514 -6.59 14.69 7.33
N LYS A 515 -6.08 15.00 8.51
CA LYS A 515 -5.94 16.41 8.92
C LYS A 515 -5.14 17.23 7.91
N GLU A 516 -4.00 16.72 7.47
CA GLU A 516 -3.17 17.44 6.49
C GLU A 516 -3.93 17.73 5.20
N PHE A 517 -4.74 16.77 4.76
CA PHE A 517 -5.49 16.95 3.52
C PHE A 517 -6.58 18.02 3.72
N GLY A 518 -7.21 18.03 4.89
CA GLY A 518 -8.21 19.07 5.17
C GLY A 518 -7.67 20.50 5.14
N LYS A 519 -6.39 20.66 5.38
CA LYS A 519 -5.75 21.97 5.44
C LYS A 519 -5.31 22.49 4.06
N SER A 520 -5.59 21.70 3.03
CA SER A 520 -5.19 22.07 1.68
C SER A 520 -6.39 22.60 0.89
N TRP A 530 -12.62 19.99 1.87
CA TRP A 530 -11.75 18.95 1.34
C TRP A 530 -11.74 17.72 2.27
N LYS A 531 -12.19 16.58 1.75
CA LYS A 531 -12.42 15.38 2.59
C LYS A 531 -11.93 14.04 2.02
N LEU A 532 -11.76 13.07 2.93
CA LEU A 532 -11.02 11.85 2.64
C LEU A 532 -11.61 10.63 3.35
N SER A 533 -11.70 9.51 2.63
CA SER A 533 -12.08 8.23 3.22
C SER A 533 -10.86 7.29 3.17
N ALA A 534 -10.87 6.26 3.99
CA ALA A 534 -9.73 5.36 4.11
C ALA A 534 -10.22 3.97 4.46
N GLY A 535 -9.33 3.00 4.30
CA GLY A 535 -9.59 1.71 4.90
C GLY A 535 -8.26 1.22 5.41
N ILE A 536 -8.33 0.47 6.49
CA ILE A 536 -7.18 -0.04 7.19
C ILE A 536 -7.51 -1.49 7.43
N LEU A 537 -6.73 -2.36 6.80
CA LEU A 537 -6.87 -3.79 6.99
C LEU A 537 -5.70 -4.22 7.86
N ILE A 538 -6.04 -4.82 8.98
CA ILE A 538 -5.02 -5.34 9.85
C ILE A 538 -5.06 -6.80 9.54
N VAL A 539 -3.90 -7.35 9.20
CA VAL A 539 -3.86 -8.72 8.73
C VAL A 539 -2.63 -9.43 9.25
N HIS A 540 -2.69 -10.76 9.33
CA HIS A 540 -1.56 -11.59 9.79
C HIS A 540 -0.48 -11.64 8.71
N TYR A 541 0.77 -11.77 9.13
CA TYR A 541 1.92 -11.71 8.20
C TYR A 541 1.86 -12.77 7.10
N LYS A 542 1.26 -13.92 7.39
CA LYS A 542 1.15 -15.01 6.43
C LYS A 542 -0.03 -14.88 5.46
N HIS A 543 -0.87 -13.87 5.63
CA HIS A 543 -2.00 -13.79 4.73
C HIS A 543 -1.54 -13.35 3.35
N PRO A 544 -2.09 -13.97 2.31
CA PRO A 544 -1.73 -13.66 0.92
C PRO A 544 -1.96 -12.19 0.62
N LEU A 545 -0.91 -11.54 0.11
CA LEU A 545 -0.90 -10.10 -0.04
C LEU A 545 -1.98 -9.65 -1.01
N TYR A 546 -2.14 -10.35 -2.12
CA TYR A 546 -3.09 -9.89 -3.13
C TYR A 546 -4.50 -9.88 -2.55
N ASP A 547 -4.79 -10.88 -1.73
CA ASP A 547 -6.09 -10.96 -1.08
C ASP A 547 -6.24 -9.85 -0.03
N ALA A 548 -5.23 -9.66 0.80
CA ALA A 548 -5.21 -8.54 1.73
C ALA A 548 -5.48 -7.20 1.03
N LEU A 549 -4.80 -6.92 -0.09
CA LEU A 549 -4.99 -5.67 -0.83
C LEU A 549 -6.38 -5.59 -1.39
N GLU A 550 -6.87 -6.70 -1.90
CA GLU A 550 -8.23 -6.72 -2.41
C GLU A 550 -9.19 -6.28 -1.29
N LYS A 551 -9.02 -6.85 -0.09
CA LYS A 551 -9.89 -6.57 1.05
C LYS A 551 -9.78 -5.14 1.55
N ALA A 552 -8.56 -4.65 1.71
CA ALA A 552 -8.33 -3.28 2.14
C ALA A 552 -9.02 -2.31 1.17
N ARG A 553 -8.86 -2.59 -0.12
CA ARG A 553 -9.45 -1.73 -1.14
C ARG A 553 -10.97 -1.81 -1.09
N ASP A 554 -11.48 -2.99 -0.76
CA ASP A 554 -12.92 -3.19 -0.53
C ASP A 554 -13.44 -2.35 0.65
N LEU A 555 -12.72 -2.38 1.75
CA LEU A 555 -13.02 -1.56 2.90
C LEU A 555 -13.18 -0.12 2.46
N LEU A 556 -12.23 0.38 1.69
CA LEU A 556 -12.32 1.77 1.23
C LEU A 556 -13.54 2.04 0.33
N ASN A 557 -13.72 1.20 -0.69
CA ASN A 557 -14.69 1.52 -1.74
C ASN A 557 -16.14 1.13 -1.47
N ASN A 558 -16.29 -0.08 -0.92
CA ASN A 558 -17.60 -0.65 -0.68
C ASN A 558 -18.15 -0.37 0.69
N LYS A 559 -17.37 0.29 1.54
CA LYS A 559 -17.84 0.57 2.90
C LYS A 559 -17.72 2.04 3.25
N ALA A 560 -16.50 2.55 3.33
CA ALA A 560 -16.29 3.95 3.66
C ALA A 560 -16.93 4.88 2.64
N LYS A 561 -16.87 4.48 1.37
CA LYS A 561 -17.39 5.32 0.28
C LYS A 561 -18.91 5.22 0.13
N ASN A 562 -19.50 4.16 0.68
CA ASN A 562 -20.96 3.97 0.64
C ASN A 562 -21.72 4.50 1.87
N VAL A 563 -20.99 5.17 2.74
CA VAL A 563 -21.57 5.94 3.83
C VAL A 563 -21.96 7.32 3.27
N PRO A 564 -23.21 7.76 3.55
CA PRO A 564 -23.65 9.04 3.00
C PRO A 564 -22.86 10.17 3.65
N GLY A 565 -22.31 11.06 2.83
CA GLY A 565 -21.35 12.05 3.29
C GLY A 565 -19.92 11.52 3.32
N LYS A 566 -19.76 10.20 3.20
CA LYS A 566 -18.42 9.64 3.13
C LYS A 566 -17.54 10.14 4.29
N ASP A 567 -16.39 10.72 3.97
CA ASP A 567 -15.46 11.19 5.01
C ASP A 567 -15.31 10.15 6.14
N THR A 568 -15.15 8.88 5.77
CA THR A 568 -15.18 7.81 6.75
C THR A 568 -13.91 6.95 6.74
N LEU A 569 -13.53 6.47 7.93
CA LEU A 569 -12.52 5.42 8.09
C LEU A 569 -13.16 4.04 8.27
N ALA A 570 -12.82 3.10 7.41
CA ALA A 570 -13.26 1.72 7.62
C ALA A 570 -12.11 0.84 8.09
N ILE A 571 -12.24 0.32 9.30
CA ILE A 571 -11.18 -0.46 9.90
C ILE A 571 -11.59 -1.90 9.87
N GLY A 572 -10.66 -2.77 9.53
CA GLY A 572 -11.00 -4.17 9.56
C GLY A 572 -9.78 -4.91 10.07
N LEU A 573 -10.07 -6.04 10.68
CA LEU A 573 -9.10 -6.87 11.32
C LEU A 573 -9.44 -8.27 10.88
N LEU A 574 -8.55 -8.89 10.12
CA LEU A 574 -8.78 -10.24 9.69
C LEU A 574 -7.85 -11.11 10.53
N LYS A 575 -8.42 -11.85 11.48
CA LYS A 575 -7.62 -12.65 12.40
C LYS A 575 -7.16 -13.92 11.70
N ARG A 576 -5.97 -14.39 12.05
CA ARG A 576 -5.41 -15.58 11.43
C ARG A 576 -6.45 -16.71 11.38
N SER A 577 -7.18 -16.85 12.47
CA SER A 577 -8.26 -17.83 12.57
C SER A 577 -9.31 -17.69 11.46
N GLY A 578 -9.37 -16.53 10.82
CA GLY A 578 -10.30 -16.30 9.73
C GLY A 578 -11.50 -15.44 10.07
N SER A 579 -11.61 -15.05 11.34
CA SER A 579 -12.71 -14.20 11.78
C SER A 579 -12.40 -12.73 11.45
N TYR A 580 -13.36 -12.08 10.83
CA TYR A 580 -13.19 -10.75 10.27
C TYR A 580 -14.05 -9.72 11.04
N TYR A 581 -13.41 -8.66 11.51
CA TYR A 581 -14.09 -7.59 12.23
C TYR A 581 -14.00 -6.27 11.49
N ILE A 582 -15.14 -5.66 11.19
CA ILE A 582 -15.17 -4.34 10.54
C ILE A 582 -15.85 -3.32 11.42
N SER A 583 -15.32 -2.11 11.43
CA SER A 583 -15.96 -0.98 12.10
C SER A 583 -15.79 0.31 11.28
N LEU A 584 -16.91 1.00 11.05
CA LEU A 584 -16.94 2.24 10.29
C LEU A 584 -17.04 3.43 11.22
N VAL A 585 -16.01 4.27 11.26
CA VAL A 585 -16.02 5.42 12.15
C VAL A 585 -15.71 6.70 11.41
N GLY A 586 -16.08 7.81 12.01
CA GLY A 586 -15.72 9.11 11.49
C GLY A 586 -14.39 9.51 12.10
N TRP A 587 -13.67 10.37 11.38
CA TRP A 587 -12.32 10.77 11.76
C TRP A 587 -12.20 11.29 13.18
N GLU A 588 -13.19 12.07 13.61
CA GLU A 588 -13.22 12.66 14.94
C GLU A 588 -13.45 11.65 16.05
N LEU A 589 -13.86 10.43 15.70
CA LEU A 589 -13.87 9.38 16.70
C LEU A 589 -12.45 9.15 17.18
N ILE A 590 -11.49 9.38 16.30
CA ILE A 590 -10.09 9.16 16.66
C ILE A 590 -9.62 10.22 17.65
N ARG A 591 -9.99 11.49 17.43
CA ARG A 591 -9.56 12.52 18.35
C ARG A 591 -10.29 12.40 19.68
N VAL A 592 -11.59 12.25 19.61
CA VAL A 592 -12.39 12.05 20.82
C VAL A 592 -11.85 10.86 21.64
N PHE A 593 -11.71 9.70 21.01
CA PHE A 593 -11.20 8.54 21.71
C PHE A 593 -9.81 8.83 22.26
N TYR A 594 -9.02 9.54 21.47
CA TYR A 594 -7.64 9.87 21.80
C TYR A 594 -7.61 10.59 23.16
N ASN A 595 -8.35 11.69 23.26
CA ASN A 595 -8.37 12.51 24.47
C ASN A 595 -9.07 11.87 25.68
N SER A 596 -9.86 10.83 25.42
CA SER A 596 -10.83 10.34 26.41
C SER A 596 -10.21 9.60 27.59
N GLU A 597 -10.84 9.77 28.76
CA GLU A 597 -10.50 9.00 29.94
C GLU A 597 -10.68 7.51 29.66
N LEU A 598 -11.75 7.17 28.96
CA LEU A 598 -12.03 5.77 28.61
C LEU A 598 -10.82 5.08 28.00
N ARG A 599 -10.19 5.78 27.07
CA ARG A 599 -9.01 5.28 26.41
C ARG A 599 -7.93 5.06 27.44
N LYS A 600 -7.64 6.11 28.19
CA LYS A 600 -6.62 6.11 29.24
C LYS A 600 -6.75 4.90 30.17
N LYS A 601 -7.99 4.54 30.50
CA LYS A 601 -8.25 3.37 31.34
C LYS A 601 -8.05 2.06 30.58
N LEU A 602 -8.47 2.04 29.32
CA LEU A 602 -8.42 0.80 28.55
C LEU A 602 -7.03 0.16 28.53
N LEU A 603 -6.01 0.93 28.89
CA LEU A 603 -4.65 0.41 28.99
C LEU A 603 -4.09 0.42 30.43
N GLY A 610 -12.28 -3.82 31.82
CA GLY A 610 -11.40 -3.36 30.75
C GLY A 610 -11.57 -4.10 29.43
N LYS A 611 -11.32 -5.41 29.46
CA LYS A 611 -11.53 -6.30 28.31
C LYS A 611 -12.89 -6.94 28.39
N ARG A 612 -13.13 -7.65 29.50
CA ARG A 612 -14.39 -8.32 29.74
C ARG A 612 -15.56 -7.37 29.45
N PHE A 613 -15.37 -6.10 29.79
CA PHE A 613 -16.29 -5.01 29.45
C PHE A 613 -16.69 -4.99 27.98
N ILE A 614 -15.70 -4.76 27.11
CA ILE A 614 -15.88 -4.79 25.65
C ILE A 614 -16.60 -6.06 25.19
N TYR A 615 -16.11 -7.21 25.68
CA TYR A 615 -16.73 -8.48 25.34
C TYR A 615 -18.21 -8.52 25.71
N HIS A 616 -18.56 -7.93 26.85
CA HIS A 616 -19.93 -8.02 27.34
C HIS A 616 -20.86 -7.07 26.60
N VAL A 617 -20.45 -5.82 26.45
CA VAL A 617 -21.19 -4.89 25.61
C VAL A 617 -21.41 -5.42 24.19
N LEU A 618 -20.37 -6.02 23.61
CA LEU A 618 -20.50 -6.63 22.26
C LEU A 618 -21.42 -7.85 22.27
N ARG A 619 -21.34 -8.66 23.31
CA ARG A 619 -22.18 -9.82 23.42
C ARG A 619 -23.63 -9.37 23.50
N GLU A 620 -23.84 -8.16 24.01
CA GLU A 620 -25.19 -7.63 24.19
C GLU A 620 -25.79 -7.20 22.87
N VAL A 621 -24.95 -6.67 21.98
CA VAL A 621 -25.41 -6.20 20.66
C VAL A 621 -25.31 -7.22 19.52
N ASP A 622 -24.99 -8.48 19.82
CA ASP A 622 -25.01 -9.52 18.80
C ASP A 622 -26.35 -9.57 18.08
N THR A 623 -27.44 -9.53 18.84
CA THR A 623 -28.72 -9.16 18.28
C THR A 623 -29.02 -7.78 18.85
N TRP A 624 -29.55 -7.75 20.07
CA TRP A 624 -29.82 -6.50 20.80
C TRP A 624 -30.45 -6.79 22.15
N PRO A 625 -30.16 -5.94 23.13
CA PRO A 625 -30.77 -6.02 24.48
C PRO A 625 -32.26 -5.63 24.50
N LYS A 626 -33.13 -6.47 25.07
CA LYS A 626 -34.57 -6.17 25.15
C LYS A 626 -34.77 -4.90 25.99
N VAL A 627 -33.79 -4.62 26.84
CA VAL A 627 -33.91 -3.47 27.73
C VAL A 627 -33.50 -2.18 27.05
N GLY A 628 -33.04 -2.28 25.81
CA GLY A 628 -32.65 -1.09 25.08
C GLY A 628 -31.22 -0.65 25.36
N ILE A 629 -30.70 0.17 24.44
CA ILE A 629 -29.28 0.48 24.45
C ILE A 629 -28.81 1.31 25.66
N ASP A 630 -29.48 2.44 25.92
CA ASP A 630 -29.05 3.35 27.00
C ASP A 630 -28.93 2.60 28.33
N GLU A 631 -29.96 1.80 28.60
CA GLU A 631 -30.06 1.01 29.82
C GLU A 631 -28.96 -0.05 29.89
N MET A 632 -28.79 -0.82 28.81
CA MET A 632 -27.70 -1.80 28.75
C MET A 632 -26.33 -1.17 28.99
N LEU A 633 -26.10 -0.01 28.39
CA LEU A 633 -24.81 0.68 28.54
C LEU A 633 -24.59 1.22 29.97
N LYS A 634 -25.62 1.85 30.54
CA LYS A 634 -25.52 2.31 31.92
C LYS A 634 -25.21 1.12 32.84
N PHE A 635 -25.96 0.05 32.66
CA PHE A 635 -25.75 -1.16 33.43
C PHE A 635 -24.31 -1.62 33.30
N GLU A 636 -23.85 -1.75 32.07
CA GLU A 636 -22.51 -2.30 31.85
C GLU A 636 -21.41 -1.42 32.44
N VAL A 637 -21.50 -0.11 32.25
CA VAL A 637 -20.51 0.80 32.82
C VAL A 637 -20.50 0.66 34.33
N ILE A 638 -21.68 0.74 34.95
CA ILE A 638 -21.80 0.58 36.39
C ILE A 638 -21.15 -0.72 36.86
N ARG A 639 -21.33 -1.78 36.07
CA ARG A 639 -20.79 -3.08 36.41
C ARG A 639 -19.25 -3.10 36.51
N HIS A 640 -18.54 -2.42 35.61
CA HIS A 640 -17.07 -2.29 35.75
C HIS A 640 -16.56 -0.84 35.92
N ILE A 641 -16.15 -0.47 37.14
CA ILE A 641 -15.77 0.92 37.48
C ILE A 641 -15.41 1.77 36.26
N LYS A 646 -11.21 5.82 46.40
CA LYS A 646 -11.63 4.90 45.35
C LYS A 646 -13.05 5.22 44.89
N GLU A 647 -13.83 5.85 45.78
CA GLU A 647 -15.24 6.09 45.52
C GLU A 647 -15.45 7.07 44.37
N GLU A 648 -14.33 7.60 43.86
CA GLU A 648 -14.32 8.52 42.74
C GLU A 648 -15.03 7.88 41.55
N THR A 649 -15.31 6.58 41.70
CA THR A 649 -16.08 5.83 40.72
C THR A 649 -17.29 6.66 40.30
N LYS A 650 -17.93 7.32 41.26
CA LYS A 650 -19.15 8.08 40.98
C LYS A 650 -18.96 8.95 39.73
N GLU A 651 -17.85 9.68 39.70
CA GLU A 651 -17.56 10.56 38.58
C GLU A 651 -17.05 9.78 37.36
N LEU A 652 -16.17 8.81 37.60
CA LEU A 652 -15.61 8.04 36.49
C LEU A 652 -16.74 7.49 35.63
N ARG A 653 -17.66 6.73 36.24
CA ARG A 653 -18.80 6.15 35.54
C ARG A 653 -19.56 7.21 34.78
N GLU A 654 -19.75 8.37 35.42
CA GLU A 654 -20.45 9.47 34.78
C GLU A 654 -19.74 9.94 33.50
N LYS A 655 -18.41 10.09 33.57
CA LYS A 655 -17.66 10.68 32.46
C LYS A 655 -17.55 9.71 31.29
N ILE A 656 -17.11 8.48 31.57
CA ILE A 656 -17.09 7.37 30.61
C ILE A 656 -18.42 7.24 29.84
N TYR A 657 -19.51 6.97 30.57
CA TYR A 657 -20.81 6.85 29.93
C TYR A 657 -21.01 8.02 28.98
N GLY A 658 -20.59 9.21 29.40
CA GLY A 658 -20.72 10.40 28.58
C GLY A 658 -19.85 10.29 27.35
N GLU A 659 -18.56 10.02 27.57
CA GLU A 659 -17.61 9.84 26.50
C GLU A 659 -18.13 8.85 25.46
N ILE A 660 -18.52 7.65 25.92
CA ILE A 660 -19.13 6.67 25.05
C ILE A 660 -20.28 7.27 24.23
N LYS A 661 -21.23 7.91 24.89
CA LYS A 661 -22.29 8.58 24.15
C LYS A 661 -21.68 9.47 23.04
N ASP A 662 -20.73 10.32 23.42
CA ASP A 662 -20.04 11.19 22.48
C ASP A 662 -19.43 10.37 21.36
N LEU A 663 -18.71 9.32 21.73
CA LEU A 663 -18.02 8.49 20.76
C LEU A 663 -19.03 7.92 19.80
N LEU A 664 -20.18 7.52 20.35
CA LEU A 664 -21.23 6.88 19.59
C LEU A 664 -21.72 7.81 18.48
N GLU A 665 -21.61 9.11 18.72
CA GLU A 665 -22.03 10.10 17.73
C GLU A 665 -21.27 9.90 16.42
N HIS A 666 -19.98 9.56 16.55
CA HIS A 666 -19.05 9.54 15.41
C HIS A 666 -18.89 8.17 14.76
N VAL A 667 -19.54 7.16 15.32
CA VAL A 667 -19.60 5.86 14.67
C VAL A 667 -20.64 5.93 13.56
N ARG A 668 -20.36 5.31 12.42
CA ARG A 668 -21.32 5.27 11.32
C ARG A 668 -22.40 4.22 11.55
N GLY A 669 -23.52 4.35 10.85
CA GLY A 669 -24.73 3.57 11.08
C GLY A 669 -25.97 4.38 11.44
N ASN A 670 -27.13 3.79 11.14
CA ASN A 670 -28.41 4.49 11.11
C ASN A 670 -29.26 4.34 12.36
N ASN A 671 -28.78 3.57 13.32
CA ASN A 671 -29.47 3.39 14.60
C ASN A 671 -28.43 3.16 15.71
N GLU A 672 -28.86 3.28 16.95
CA GLU A 672 -27.92 3.20 18.08
C GLU A 672 -27.31 1.81 18.32
N VAL A 673 -28.02 0.73 18.00
CA VAL A 673 -27.45 -0.58 18.31
C VAL A 673 -26.30 -0.83 17.37
N GLU A 674 -26.51 -0.48 16.11
CA GLU A 674 -25.43 -0.60 15.17
C GLU A 674 -24.31 0.40 15.50
N LYS A 675 -24.64 1.56 16.05
CA LYS A 675 -23.56 2.47 16.49
C LYS A 675 -22.73 1.91 17.65
N VAL A 676 -23.37 1.21 18.58
CA VAL A 676 -22.65 0.53 19.66
C VAL A 676 -21.79 -0.64 19.15
N ARG A 677 -22.33 -1.43 18.23
CA ARG A 677 -21.56 -2.47 17.55
C ARG A 677 -20.31 -1.89 16.90
N GLY A 678 -20.47 -0.79 16.19
CA GLY A 678 -19.34 -0.11 15.57
C GLY A 678 -18.33 0.31 16.62
N LEU A 679 -18.78 1.05 17.62
CA LEU A 679 -17.86 1.54 18.64
C LEU A 679 -17.09 0.40 19.31
N PHE A 680 -17.83 -0.63 19.68
CA PHE A 680 -17.23 -1.69 20.46
C PHE A 680 -16.41 -2.68 19.65
N THR A 681 -16.78 -2.88 18.40
CA THR A 681 -15.90 -3.63 17.52
C THR A 681 -14.58 -2.88 17.34
N PHE A 682 -14.67 -1.56 17.11
CA PHE A 682 -13.46 -0.75 17.06
C PHE A 682 -12.58 -1.01 18.28
N LEU A 683 -13.18 -0.88 19.46
CA LEU A 683 -12.45 -1.09 20.71
C LEU A 683 -11.86 -2.48 20.82
N LYS A 684 -12.61 -3.48 20.37
CA LYS A 684 -12.18 -4.87 20.48
C LYS A 684 -10.93 -5.04 19.62
N ILE A 685 -10.95 -4.39 18.47
CA ILE A 685 -9.82 -4.42 17.54
C ILE A 685 -8.56 -3.82 18.14
N ILE A 686 -8.62 -2.54 18.51
CA ILE A 686 -7.41 -1.84 18.96
C ILE A 686 -6.85 -2.38 20.29
N THR A 687 -7.66 -3.14 21.02
CA THR A 687 -7.21 -3.80 22.24
C THR A 687 -6.87 -5.29 22.10
N ASP A 688 -7.02 -5.86 20.92
CA ASP A 688 -6.79 -7.30 20.74
C ASP A 688 -5.35 -7.69 21.13
N ALA A 689 -5.19 -8.67 22.01
CA ALA A 689 -3.87 -8.99 22.54
C ALA A 689 -3.01 -9.80 21.57
N GLU A 690 -3.63 -10.60 20.71
CA GLU A 690 -2.87 -11.28 19.69
C GLU A 690 -2.36 -10.28 18.64
N VAL A 691 -3.17 -9.27 18.34
CA VAL A 691 -2.79 -8.24 17.36
C VAL A 691 -1.95 -7.12 17.96
N PHE A 692 -2.25 -6.74 19.20
CA PHE A 692 -1.49 -5.69 19.91
C PHE A 692 -0.88 -6.24 21.18
N PRO A 693 0.25 -6.96 21.05
CA PRO A 693 0.81 -7.78 22.13
C PRO A 693 1.68 -7.03 23.15
#